data_7CL8
#
_entry.id   7CL8
#
_cell.length_a   53.740
_cell.length_b   61.820
_cell.length_c   133.770
_cell.angle_alpha   90.000
_cell.angle_beta   90.000
_cell.angle_gamma   90.000
#
_symmetry.space_group_name_H-M   'P 2 21 21'
#
loop_
_entity.id
_entity.type
_entity.pdbx_description
1 polymer 'Cytochrome P450 hydroxylase'
2 non-polymer 'PROTOPORPHYRIN IX CONTAINING FE'
3 non-polymer 'TRIETHYLENE GLYCOL'
4 non-polymer DI(HYDROXYETHYL)ETHER
5 non-polymer TESTOSTERONE
6 water water
#
_entity_poly.entity_id   1
_entity_poly.type   'polypeptide(L)'
_entity_poly.pdbx_seq_one_letter_code
;MGSSHHHHHHSSGLVPRGSHMTTRIALDPFVSDLEAESAALRAAGPLAAVELPGGVPVWAVTHHAEAKKLLTDPRLVKDI
NVWGAWQRGEIAPDWPLIGLANPGRSMLTVDGADHRRMRTLVAQALTPRRVEQMRERITKLTEELLDRLTGEVVDLKADF
AYPLPMYVVADLMGIDEARLPRLGELFEKFFSTQTPPAEVIATLTELAGIMAETVAAKRAAPGDDLTSALILASEDGDHL
TDAEIVSTLQLMVAAGHETTISLIVNAVVNLSTHPEQRALVLSGEADWSSVVEETLRYSTPTSHVLIRFATEDVPVGDKV
LPAGDALIVSYGALGRDEAAHGPTAGEFDITRSTENRHISFGHGPHVCPGAALSRLEAGVALPALYARFPKLDLAVPAAE
LRNKPVVTQNDLFELPVRLG
;
_entity_poly.pdbx_strand_id   A
#
# COMPACT_ATOMS: atom_id res chain seq x y z
N MET A 21 -6.57 -30.86 -9.67
CA MET A 21 -6.47 -29.36 -9.42
C MET A 21 -6.41 -29.01 -7.91
N THR A 22 -7.32 -28.16 -7.41
CA THR A 22 -7.03 -27.30 -6.24
C THR A 22 -8.37 -26.80 -5.60
N THR A 23 -8.26 -26.56 -4.36
CA THR A 23 -9.17 -25.74 -3.55
C THR A 23 -8.93 -24.31 -3.99
N ARG A 24 -9.92 -23.52 -4.28
CA ARG A 24 -9.70 -22.14 -4.77
C ARG A 24 -10.56 -21.24 -3.94
N ILE A 25 -9.92 -20.24 -3.37
CA ILE A 25 -10.59 -19.26 -2.48
C ILE A 25 -10.95 -18.01 -3.30
N ALA A 26 -12.21 -17.71 -3.46
CA ALA A 26 -12.66 -16.48 -4.11
C ALA A 26 -12.58 -15.40 -3.07
N LEU A 27 -11.73 -14.43 -3.31
CA LEU A 27 -11.57 -13.30 -2.40
C LEU A 27 -12.83 -12.47 -2.46
N ASP A 28 -13.26 -12.05 -1.30
CA ASP A 28 -14.52 -11.32 -1.19
C ASP A 28 -14.37 -9.93 -1.79
N PRO A 29 -15.10 -9.54 -2.82
CA PRO A 29 -14.97 -8.20 -3.37
C PRO A 29 -15.37 -7.11 -2.40
N PHE A 30 -16.16 -7.45 -1.39
CA PHE A 30 -16.65 -6.50 -0.37
C PHE A 30 -15.82 -6.55 0.90
N VAL A 31 -14.83 -7.43 1.00
CA VAL A 31 -13.91 -7.44 2.17
C VAL A 31 -14.75 -7.46 3.45
N SER A 32 -15.71 -8.37 3.54
CA SER A 32 -16.65 -8.43 4.69
C SER A 32 -15.95 -8.95 5.94
N ASP A 33 -15.03 -9.88 5.80
CA ASP A 33 -14.41 -10.54 6.95
C ASP A 33 -12.96 -10.83 6.58
N LEU A 34 -12.13 -9.82 6.62
CA LEU A 34 -10.72 -9.96 6.20
C LEU A 34 -10.00 -10.95 7.10
N GLU A 35 -10.26 -10.88 8.40
CA GLU A 35 -9.54 -11.82 9.31
C GLU A 35 -9.79 -13.28 8.89
N ALA A 36 -11.04 -13.62 8.59
CA ALA A 36 -11.34 -15.03 8.19
C ALA A 36 -10.74 -15.34 6.85
N GLU A 37 -10.75 -14.40 5.93
CA GLU A 37 -10.21 -14.66 4.60
C GLU A 37 -8.70 -14.87 4.69
N SER A 38 -8.02 -14.00 5.46
CA SER A 38 -6.57 -14.18 5.71
C SER A 38 -6.25 -15.54 6.34
N ALA A 39 -7.07 -15.93 7.34
CA ALA A 39 -6.85 -17.25 7.97
C ALA A 39 -7.05 -18.38 6.98
N ALA A 40 -8.08 -18.26 6.13
CA ALA A 40 -8.30 -19.30 5.11
C ALA A 40 -7.11 -19.38 4.15
N LEU A 41 -6.59 -18.19 3.76
CA LEU A 41 -5.43 -18.14 2.86
C LEU A 41 -4.20 -18.78 3.50
N ARG A 42 -3.98 -18.50 4.78
CA ARG A 42 -2.86 -19.20 5.48
C ARG A 42 -3.10 -20.72 5.46
N ALA A 43 -4.32 -21.12 5.74
CA ALA A 43 -4.63 -22.57 5.82
C ALA A 43 -4.34 -23.24 4.52
N ALA A 44 -4.59 -22.58 3.39
CA ALA A 44 -4.40 -23.12 2.04
C ALA A 44 -2.98 -22.97 1.51
N GLY A 45 -2.13 -22.34 2.27
CA GLY A 45 -0.80 -22.02 1.73
C GLY A 45 0.22 -23.11 1.96
N PRO A 46 1.49 -22.88 1.61
CA PRO A 46 2.04 -21.56 1.25
C PRO A 46 1.59 -21.02 -0.10
N LEU A 47 1.22 -21.85 -1.05
CA LEU A 47 0.75 -21.42 -2.37
C LEU A 47 -0.75 -21.74 -2.44
N ALA A 48 -1.60 -20.77 -2.27
CA ALA A 48 -3.05 -20.90 -2.29
C ALA A 48 -3.55 -20.55 -3.67
N ALA A 49 -4.45 -21.30 -4.21
CA ALA A 49 -5.19 -20.90 -5.40
C ALA A 49 -6.31 -19.97 -5.02
N VAL A 50 -6.40 -18.81 -5.68
CA VAL A 50 -7.41 -17.81 -5.39
C VAL A 50 -8.13 -17.37 -6.63
N GLU A 51 -9.26 -16.76 -6.46
CA GLU A 51 -9.99 -16.14 -7.57
C GLU A 51 -10.11 -14.66 -7.22
N LEU A 52 -9.58 -13.79 -8.09
CA LEU A 52 -9.73 -12.34 -7.86
C LEU A 52 -11.12 -11.94 -8.26
N PRO A 53 -11.65 -10.87 -7.67
CA PRO A 53 -12.93 -10.31 -8.09
C PRO A 53 -12.89 -10.04 -9.59
N GLY A 54 -13.96 -10.42 -10.25
CA GLY A 54 -14.01 -10.44 -11.73
C GLY A 54 -13.75 -11.81 -12.30
N GLY A 55 -13.51 -12.80 -11.45
CA GLY A 55 -13.39 -14.20 -11.87
C GLY A 55 -12.06 -14.61 -12.40
N VAL A 56 -10.98 -13.96 -12.01
CA VAL A 56 -9.64 -14.27 -12.55
C VAL A 56 -8.90 -15.17 -11.60
N PRO A 57 -8.51 -16.39 -11.99
CA PRO A 57 -7.77 -17.27 -11.14
C PRO A 57 -6.31 -16.87 -11.12
N VAL A 58 -5.72 -16.83 -9.96
CA VAL A 58 -4.27 -16.64 -9.79
C VAL A 58 -3.83 -17.45 -8.60
N TRP A 59 -2.56 -17.49 -8.32
CA TRP A 59 -2.01 -18.05 -7.08
C TRP A 59 -1.69 -16.93 -6.13
N ALA A 60 -1.68 -17.26 -4.87
CA ALA A 60 -1.26 -16.35 -3.79
C ALA A 60 -0.24 -17.03 -2.92
N VAL A 61 0.82 -16.35 -2.56
CA VAL A 61 1.72 -16.85 -1.54
C VAL A 61 1.31 -16.26 -0.20
N THR A 62 1.08 -17.13 0.79
CA THR A 62 0.38 -16.76 2.01
C THR A 62 1.14 -17.11 3.26
N HIS A 63 2.38 -17.57 3.11
CA HIS A 63 3.27 -17.87 4.23
C HIS A 63 4.51 -17.01 4.09
N HIS A 64 5.07 -16.61 5.22
CA HIS A 64 6.20 -15.67 5.27
C HIS A 64 7.46 -16.19 4.59
N ALA A 65 7.92 -17.35 4.98
CA ALA A 65 9.21 -17.81 4.45
C ALA A 65 9.13 -18.02 2.95
N GLU A 66 8.05 -18.64 2.49
CA GLU A 66 7.90 -18.89 1.04
C GLU A 66 7.73 -17.59 0.29
N ALA A 67 7.06 -16.60 0.87
CA ALA A 67 6.97 -15.31 0.16
C ALA A 67 8.35 -14.70 -0.03
N LYS A 68 9.19 -14.73 1.01
CA LYS A 68 10.54 -14.14 0.89
C LYS A 68 11.33 -14.86 -0.21
N LYS A 69 11.19 -16.16 -0.31
CA LYS A 69 11.88 -16.92 -1.37
C LYS A 69 11.35 -16.47 -2.71
N LEU A 70 10.06 -16.34 -2.88
CA LEU A 70 9.49 -16.00 -4.21
C LEU A 70 9.79 -14.55 -4.57
N LEU A 71 9.84 -13.66 -3.60
CA LEU A 71 10.17 -12.25 -3.83
C LEU A 71 11.61 -12.08 -4.32
N THR A 72 12.50 -13.05 -4.09
CA THR A 72 13.90 -12.96 -4.55
C THR A 72 14.17 -14.01 -5.60
N ASP A 73 13.16 -14.66 -6.14
CA ASP A 73 13.39 -15.72 -7.16
C ASP A 73 13.35 -15.07 -8.53
N PRO A 74 14.45 -15.19 -9.33
CA PRO A 74 14.46 -14.57 -10.66
C PRO A 74 13.45 -15.18 -11.63
N ARG A 75 12.82 -16.29 -11.29
CA ARG A 75 11.76 -16.86 -12.15
C ARG A 75 10.41 -16.15 -11.96
N LEU A 76 10.31 -15.34 -10.90
CA LEU A 76 9.05 -14.63 -10.61
C LEU A 76 9.26 -13.16 -10.98
N VAL A 77 8.70 -12.79 -12.12
CA VAL A 77 9.03 -11.49 -12.76
C VAL A 77 7.79 -10.64 -12.82
N LYS A 78 7.99 -9.34 -13.04
CA LYS A 78 6.90 -8.41 -13.23
C LYS A 78 6.40 -8.37 -14.68
N ASP A 79 7.17 -8.90 -15.62
CA ASP A 79 6.86 -8.77 -17.06
C ASP A 79 5.52 -9.42 -17.44
N ILE A 80 4.49 -8.64 -17.78
CA ILE A 80 3.13 -9.19 -18.09
C ILE A 80 3.13 -10.03 -19.41
N ASN A 81 4.19 -9.93 -20.15
CA ASN A 81 4.32 -10.77 -21.36
C ASN A 81 4.49 -12.22 -20.97
N VAL A 82 4.80 -12.50 -19.73
CA VAL A 82 4.94 -13.90 -19.24
C VAL A 82 3.57 -14.47 -18.86
N TRP A 83 2.51 -13.64 -18.76
CA TRP A 83 1.23 -14.09 -18.26
C TRP A 83 0.45 -14.85 -19.33
N GLY A 84 0.27 -16.15 -19.18
CA GLY A 84 -0.46 -16.96 -20.16
C GLY A 84 -1.85 -16.41 -20.38
N ALA A 85 -2.60 -16.16 -19.32
CA ALA A 85 -4.00 -15.77 -19.45
C ALA A 85 -4.07 -14.44 -20.19
N TRP A 86 -3.15 -13.53 -19.95
CA TRP A 86 -3.10 -12.23 -20.67
C TRP A 86 -2.92 -12.49 -22.16
N GLN A 87 -1.96 -13.30 -22.50
CA GLN A 87 -1.64 -13.54 -23.95
C GLN A 87 -2.84 -14.19 -24.60
N ARG A 88 -3.58 -15.02 -23.89
CA ARG A 88 -4.73 -15.76 -24.45
C ARG A 88 -5.97 -14.88 -24.50
N GLY A 89 -5.92 -13.62 -24.08
CA GLY A 89 -7.09 -12.73 -24.19
C GLY A 89 -8.12 -12.97 -23.12
N GLU A 90 -7.75 -13.57 -21.97
CA GLU A 90 -8.73 -13.98 -20.94
C GLU A 90 -9.00 -12.81 -19.99
N ILE A 91 -8.25 -11.73 -20.08
CA ILE A 91 -8.34 -10.64 -19.08
C ILE A 91 -9.09 -9.48 -19.72
N ALA A 92 -10.22 -9.12 -19.14
CA ALA A 92 -11.07 -8.04 -19.68
C ALA A 92 -10.37 -6.69 -19.58
N PRO A 93 -10.43 -5.81 -20.61
CA PRO A 93 -9.78 -4.51 -20.52
C PRO A 93 -10.43 -3.56 -19.53
N ASP A 94 -11.68 -3.85 -19.18
CA ASP A 94 -12.47 -3.07 -18.22
C ASP A 94 -12.64 -3.82 -16.90
N TRP A 95 -11.82 -4.82 -16.67
CA TRP A 95 -11.68 -5.41 -15.33
C TRP A 95 -11.34 -4.32 -14.33
N PRO A 96 -12.07 -4.16 -13.21
CA PRO A 96 -11.74 -3.06 -12.29
C PRO A 96 -10.30 -3.11 -11.76
N LEU A 97 -9.73 -4.32 -11.68
CA LEU A 97 -8.35 -4.47 -11.21
C LEU A 97 -7.33 -4.21 -12.30
N ILE A 98 -7.73 -3.81 -13.49
CA ILE A 98 -6.77 -3.72 -14.62
C ILE A 98 -5.68 -2.68 -14.32
N GLY A 99 -6.00 -1.62 -13.57
CA GLY A 99 -4.98 -0.60 -13.26
C GLY A 99 -3.95 -1.11 -12.31
N LEU A 100 -4.27 -2.14 -11.53
CA LEU A 100 -3.25 -2.78 -10.68
C LEU A 100 -2.52 -3.87 -11.45
N ALA A 101 -3.16 -4.55 -12.37
CA ALA A 101 -2.60 -5.73 -13.06
C ALA A 101 -1.76 -5.27 -14.21
N ASN A 102 -2.06 -4.16 -14.85
CA ASN A 102 -1.35 -3.71 -16.04
C ASN A 102 -1.22 -2.19 -15.99
N PRO A 103 -0.43 -1.65 -15.04
CA PRO A 103 -0.18 -0.22 -15.01
C PRO A 103 0.83 0.14 -16.09
N GLY A 104 0.98 1.44 -16.31
CA GLY A 104 2.04 1.85 -17.25
C GLY A 104 3.40 1.41 -16.78
N ARG A 105 4.37 1.40 -17.66
CA ARG A 105 5.74 0.95 -17.39
C ARG A 105 6.40 1.90 -16.40
N SER A 106 6.92 1.33 -15.31
CA SER A 106 7.61 2.07 -14.25
C SER A 106 8.50 1.07 -13.53
N MET A 107 9.21 1.50 -12.51
CA MET A 107 9.94 0.54 -11.68
C MET A 107 9.03 -0.60 -11.25
N LEU A 108 7.75 -0.38 -11.05
CA LEU A 108 6.87 -1.45 -10.50
C LEU A 108 6.85 -2.62 -11.45
N THR A 109 6.93 -2.39 -12.74
CA THR A 109 6.56 -3.45 -13.72
C THR A 109 7.77 -4.02 -14.44
N VAL A 110 8.94 -3.83 -13.88
CA VAL A 110 10.21 -4.31 -14.50
C VAL A 110 11.08 -4.95 -13.46
N ASP A 111 12.14 -5.60 -13.92
CA ASP A 111 13.16 -6.21 -13.04
C ASP A 111 14.53 -5.92 -13.64
N GLY A 112 15.57 -6.12 -12.86
CA GLY A 112 16.97 -6.09 -13.38
C GLY A 112 17.37 -4.69 -13.79
N ALA A 113 18.05 -4.62 -14.94
CA ALA A 113 18.64 -3.36 -15.43
C ALA A 113 17.62 -2.25 -15.49
N ASP A 114 16.49 -2.52 -16.06
CA ASP A 114 15.46 -1.52 -16.30
C ASP A 114 14.91 -1.07 -14.93
N HIS A 115 14.84 -1.98 -13.97
CA HIS A 115 14.39 -1.63 -12.61
C HIS A 115 15.34 -0.65 -11.97
N ARG A 116 16.64 -0.92 -11.99
CA ARG A 116 17.62 0.05 -11.48
C ARG A 116 17.48 1.39 -12.21
N ARG A 117 17.30 1.39 -13.51
CA ARG A 117 17.19 2.65 -14.30
C ARG A 117 15.98 3.42 -13.74
N MET A 118 14.86 2.76 -13.59
CA MET A 118 13.58 3.42 -13.34
C MET A 118 13.40 3.71 -11.84
N ARG A 119 14.18 3.09 -10.95
CA ARG A 119 14.01 3.29 -9.50
C ARG A 119 15.00 4.24 -8.85
N THR A 120 16.19 4.38 -9.40
CA THR A 120 17.32 4.93 -8.65
C THR A 120 17.02 6.35 -8.12
N LEU A 121 16.58 7.25 -8.99
CA LEU A 121 16.45 8.63 -8.52
C LEU A 121 15.34 8.73 -7.47
N VAL A 122 14.22 8.07 -7.69
CA VAL A 122 13.12 8.11 -6.71
C VAL A 122 13.62 7.55 -5.39
N ALA A 123 14.28 6.39 -5.43
CA ALA A 123 14.70 5.77 -4.15
C ALA A 123 15.65 6.71 -3.43
N GLN A 124 16.51 7.41 -4.18
CA GLN A 124 17.51 8.32 -3.57
C GLN A 124 16.86 9.49 -2.88
N ALA A 125 15.71 9.92 -3.37
CA ALA A 125 14.97 11.02 -2.75
C ALA A 125 14.26 10.61 -1.47
N LEU A 126 14.23 9.31 -1.18
CA LEU A 126 13.44 8.83 -0.04
C LEU A 126 14.29 8.10 1.01
N THR A 127 15.60 8.30 0.95
CA THR A 127 16.48 7.68 1.93
C THR A 127 16.16 8.26 3.29
N PRO A 128 16.58 7.59 4.38
CA PRO A 128 16.30 8.14 5.71
C PRO A 128 16.74 9.56 5.91
N ARG A 129 17.93 9.92 5.42
CA ARG A 129 18.43 11.27 5.61
C ARG A 129 17.56 12.24 4.87
N ARG A 130 17.19 11.92 3.63
CA ARG A 130 16.40 12.84 2.83
C ARG A 130 14.99 12.94 3.43
N VAL A 131 14.44 11.86 3.97
CA VAL A 131 13.12 11.92 4.64
C VAL A 131 13.23 12.77 5.90
N GLU A 132 14.32 12.66 6.64
CA GLU A 132 14.47 13.41 7.90
C GLU A 132 14.41 14.89 7.56
N GLN A 133 14.86 15.34 6.42
CA GLN A 133 14.74 16.75 5.97
C GLN A 133 13.26 17.17 5.85
N MET A 134 12.34 16.23 5.68
CA MET A 134 10.89 16.54 5.55
C MET A 134 10.21 16.59 6.90
N ARG A 135 10.89 16.28 7.97
CA ARG A 135 10.24 16.16 9.29
C ARG A 135 9.54 17.44 9.68
N GLU A 136 10.21 18.58 9.55
CA GLU A 136 9.61 19.82 10.03
C GLU A 136 8.31 20.07 9.27
N ARG A 137 8.28 19.91 7.97
CA ARG A 137 7.10 20.19 7.16
C ARG A 137 6.00 19.18 7.51
N ILE A 138 6.37 17.93 7.66
CA ILE A 138 5.35 16.89 7.98
C ILE A 138 4.75 17.22 9.34
N THR A 139 5.61 17.64 10.28
CA THR A 139 5.17 17.96 11.67
C THR A 139 4.25 19.18 11.62
N LYS A 140 4.60 20.19 10.86
CA LYS A 140 3.76 21.41 10.78
C LYS A 140 2.43 21.05 10.19
N LEU A 141 2.39 20.23 9.14
CA LEU A 141 1.11 19.84 8.53
C LEU A 141 0.25 18.99 9.50
N THR A 142 0.87 18.05 10.20
CA THR A 142 0.18 17.23 11.21
C THR A 142 -0.51 18.12 12.23
N GLU A 143 0.25 19.09 12.73
CA GLU A 143 -0.25 19.98 13.79
C GLU A 143 -1.35 20.84 13.23
N GLU A 144 -1.25 21.33 12.01
CA GLU A 144 -2.35 22.15 11.39
C GLU A 144 -3.61 21.32 11.24
N LEU A 145 -3.46 20.06 10.81
CA LEU A 145 -4.66 19.22 10.66
C LEU A 145 -5.31 18.94 12.01
N LEU A 146 -4.54 18.75 13.07
CA LEU A 146 -5.12 18.60 14.42
C LEU A 146 -5.82 19.88 14.84
N ASP A 147 -5.21 21.01 14.52
CA ASP A 147 -5.79 22.33 14.87
C ASP A 147 -7.15 22.51 14.21
N ARG A 148 -7.43 21.91 13.06
CA ARG A 148 -8.64 22.12 12.28
C ARG A 148 -9.76 21.16 12.66
N LEU A 149 -9.50 20.14 13.48
CA LEU A 149 -10.56 19.18 13.86
C LEU A 149 -11.69 19.89 14.58
N THR A 150 -12.92 19.61 14.17
CA THR A 150 -14.07 20.34 14.73
C THR A 150 -15.13 19.33 15.15
N GLY A 151 -15.63 19.53 16.36
CA GLY A 151 -16.68 18.68 16.91
C GLY A 151 -16.14 17.66 17.88
N GLU A 152 -17.01 17.10 18.69
CA GLU A 152 -16.65 16.15 19.73
C GLU A 152 -16.29 14.80 19.09
N VAL A 153 -16.95 14.46 18.00
CA VAL A 153 -16.75 13.18 17.26
C VAL A 153 -16.39 13.57 15.85
N VAL A 154 -15.32 13.00 15.34
CA VAL A 154 -14.86 13.25 13.97
C VAL A 154 -14.67 11.91 13.26
N ASP A 155 -14.72 12.00 11.95
CA ASP A 155 -14.18 10.91 11.13
C ASP A 155 -12.71 11.23 11.03
N LEU A 156 -11.92 10.56 11.86
CA LEU A 156 -10.47 10.84 11.94
C LEU A 156 -9.79 10.43 10.64
N LYS A 157 -10.40 9.51 9.87
CA LYS A 157 -9.82 9.20 8.56
C LYS A 157 -9.94 10.40 7.62
N ALA A 158 -11.15 10.84 7.37
CA ALA A 158 -11.37 11.96 6.44
C ALA A 158 -10.64 13.22 6.91
N ASP A 159 -10.57 13.42 8.23
CA ASP A 159 -10.11 14.74 8.73
C ASP A 159 -8.65 14.76 9.10
N PHE A 160 -7.96 13.64 9.12
CA PHE A 160 -6.59 13.61 9.63
C PHE A 160 -5.77 12.56 8.87
N ALA A 161 -6.12 11.29 9.01
CA ALA A 161 -5.29 10.22 8.46
C ALA A 161 -5.24 10.26 6.94
N TYR A 162 -6.31 10.67 6.27
CA TYR A 162 -6.34 10.76 4.80
C TYR A 162 -5.53 11.98 4.35
N PRO A 163 -5.82 13.22 4.81
CA PRO A 163 -5.12 14.34 4.21
C PRO A 163 -3.63 14.36 4.42
N LEU A 164 -3.10 13.95 5.58
CA LEU A 164 -1.66 14.10 5.81
C LEU A 164 -0.84 13.41 4.73
N PRO A 165 -1.04 12.09 4.45
CA PRO A 165 -0.18 11.46 3.46
C PRO A 165 -0.44 11.92 2.05
N MET A 166 -1.66 12.32 1.75
CA MET A 166 -1.93 12.86 0.41
C MET A 166 -1.25 14.20 0.18
N TYR A 167 -1.31 15.09 1.16
CA TYR A 167 -0.58 16.35 1.00
C TYR A 167 0.90 16.10 0.92
N VAL A 168 1.46 15.19 1.71
CA VAL A 168 2.92 14.95 1.66
C VAL A 168 3.31 14.47 0.30
N VAL A 169 2.67 13.44 -0.23
CA VAL A 169 3.10 12.89 -1.53
C VAL A 169 2.84 13.87 -2.67
N ALA A 170 1.74 14.59 -2.58
CA ALA A 170 1.46 15.61 -3.62
C ALA A 170 2.58 16.66 -3.64
N ASP A 171 3.01 17.11 -2.50
CA ASP A 171 4.10 18.10 -2.45
C ASP A 171 5.38 17.48 -2.99
N LEU A 172 5.69 16.26 -2.59
CA LEU A 172 6.91 15.58 -3.08
C LEU A 172 6.88 15.51 -4.59
N MET A 173 5.76 15.23 -5.24
CA MET A 173 5.67 15.00 -6.67
C MET A 173 5.29 16.25 -7.48
N GLY A 174 5.09 17.38 -6.83
CA GLY A 174 4.78 18.58 -7.62
C GLY A 174 3.33 18.70 -8.04
N ILE A 175 2.44 17.92 -7.48
CA ILE A 175 0.99 17.92 -7.81
C ILE A 175 0.42 19.19 -7.21
N ASP A 176 -0.37 19.91 -8.00
CA ASP A 176 -1.11 21.09 -7.50
C ASP A 176 -2.17 20.64 -6.48
N GLU A 177 -2.18 21.22 -5.29
CA GLU A 177 -3.13 20.88 -4.23
C GLU A 177 -4.56 21.02 -4.75
N ALA A 178 -4.79 21.96 -5.69
CA ALA A 178 -6.15 22.18 -6.19
C ALA A 178 -6.69 20.94 -6.90
N ARG A 179 -5.80 20.03 -7.32
CA ARG A 179 -6.23 18.82 -8.02
C ARG A 179 -6.53 17.70 -7.03
N LEU A 180 -6.25 17.86 -5.74
CA LEU A 180 -6.35 16.69 -4.85
C LEU A 180 -7.79 16.24 -4.70
N PRO A 181 -8.83 17.08 -4.62
CA PRO A 181 -10.17 16.56 -4.48
C PRO A 181 -10.58 15.62 -5.64
N ARG A 182 -10.25 16.01 -6.87
CA ARG A 182 -10.60 15.20 -8.01
C ARG A 182 -9.78 13.91 -8.03
N LEU A 183 -8.50 14.01 -7.64
CA LEU A 183 -7.68 12.79 -7.53
C LEU A 183 -8.32 11.86 -6.52
N GLY A 184 -8.83 12.35 -5.43
CA GLY A 184 -9.50 11.51 -4.44
C GLY A 184 -10.72 10.82 -5.02
N GLU A 185 -11.51 11.50 -5.83
CA GLU A 185 -12.66 10.84 -6.45
C GLU A 185 -12.23 9.76 -7.43
N LEU A 186 -11.16 9.98 -8.19
CA LEU A 186 -10.68 9.00 -9.18
C LEU A 186 -10.11 7.81 -8.46
N PHE A 187 -9.35 8.02 -7.39
CA PHE A 187 -8.78 6.85 -6.66
C PHE A 187 -9.91 6.06 -6.04
N GLU A 188 -10.96 6.67 -5.56
CA GLU A 188 -12.10 5.88 -5.02
C GLU A 188 -12.60 4.91 -6.10
N LYS A 189 -12.74 5.37 -7.33
CA LYS A 189 -13.21 4.48 -8.40
C LYS A 189 -12.15 3.49 -8.80
N PHE A 190 -10.88 3.86 -8.85
CA PHE A 190 -9.78 2.98 -9.22
C PHE A 190 -9.79 1.77 -8.29
N PHE A 191 -9.95 2.01 -6.98
CA PHE A 191 -9.77 0.94 -5.99
C PHE A 191 -11.02 0.12 -5.81
N SER A 192 -12.20 0.59 -6.07
CA SER A 192 -13.38 -0.13 -5.69
C SER A 192 -13.62 -1.33 -6.62
N THR A 193 -13.89 -2.49 -6.06
CA THR A 193 -14.34 -3.66 -6.84
C THR A 193 -15.70 -3.39 -7.49
N GLN A 194 -16.42 -2.43 -6.98
CA GLN A 194 -17.82 -2.16 -7.37
C GLN A 194 -17.89 -1.07 -8.44
N THR A 195 -16.78 -0.56 -8.93
CA THR A 195 -16.83 0.46 -9.99
C THR A 195 -17.37 -0.21 -11.23
N PRO A 196 -18.42 0.37 -11.87
CA PRO A 196 -18.95 -0.30 -13.06
C PRO A 196 -17.85 -0.41 -14.10
N PRO A 197 -17.75 -1.54 -14.81
CA PRO A 197 -16.76 -1.73 -15.85
C PRO A 197 -16.73 -0.54 -16.80
N ALA A 198 -17.87 0.02 -17.15
CA ALA A 198 -17.90 1.10 -18.14
C ALA A 198 -17.21 2.36 -17.64
N GLU A 199 -16.81 2.46 -16.38
CA GLU A 199 -16.17 3.66 -15.79
C GLU A 199 -14.68 3.38 -15.58
N VAL A 200 -14.26 2.13 -15.74
CA VAL A 200 -12.88 1.73 -15.38
C VAL A 200 -11.89 2.45 -16.25
N ILE A 201 -11.98 2.38 -17.56
CA ILE A 201 -10.96 2.91 -18.47
C ILE A 201 -10.98 4.44 -18.36
N ALA A 202 -12.14 5.04 -18.28
CA ALA A 202 -12.22 6.52 -18.19
C ALA A 202 -11.50 7.00 -16.94
N THR A 203 -11.59 6.27 -15.85
CA THR A 203 -10.92 6.65 -14.59
C THR A 203 -9.43 6.58 -14.85
N LEU A 204 -8.92 5.50 -15.41
CA LEU A 204 -7.49 5.39 -15.72
C LEU A 204 -7.01 6.49 -16.64
N THR A 205 -7.82 6.84 -17.64
CA THR A 205 -7.42 7.89 -18.60
C THR A 205 -7.35 9.24 -17.89
N GLU A 206 -8.29 9.53 -17.05
CA GLU A 206 -8.27 10.82 -16.36
C GLU A 206 -7.14 10.89 -15.34
N LEU A 207 -6.88 9.82 -14.60
CA LEU A 207 -5.73 9.80 -13.68
C LEU A 207 -4.47 10.04 -14.45
N ALA A 208 -4.24 9.36 -15.54
CA ALA A 208 -3.00 9.52 -16.35
C ALA A 208 -2.93 10.96 -16.83
N GLY A 209 -4.06 11.56 -17.15
CA GLY A 209 -4.10 12.95 -17.65
C GLY A 209 -3.61 13.90 -16.60
N ILE A 210 -4.00 13.71 -15.36
CA ILE A 210 -3.55 14.60 -14.28
C ILE A 210 -2.03 14.47 -14.14
N MET A 211 -1.51 13.26 -14.16
CA MET A 211 -0.07 13.07 -14.02
C MET A 211 0.62 13.70 -15.24
N ALA A 212 0.08 13.52 -16.44
CA ALA A 212 0.71 14.12 -17.65
C ALA A 212 0.72 15.66 -17.57
N GLU A 213 -0.30 16.27 -17.05
CA GLU A 213 -0.37 17.74 -16.93
C GLU A 213 0.62 18.20 -15.88
N THR A 214 0.88 17.37 -14.88
CA THR A 214 1.87 17.68 -13.85
C THR A 214 3.27 17.63 -14.45
N VAL A 215 3.56 16.61 -15.20
CA VAL A 215 4.88 16.48 -15.89
C VAL A 215 5.06 17.67 -16.84
N ALA A 216 4.05 18.00 -17.62
CA ALA A 216 4.21 19.11 -18.59
C ALA A 216 4.49 20.38 -17.82
N ALA A 217 3.83 20.63 -16.71
CA ALA A 217 4.03 21.83 -15.90
C ALA A 217 5.45 21.88 -15.37
N LYS A 218 5.95 20.76 -14.83
CA LYS A 218 7.26 20.77 -14.18
C LYS A 218 8.37 20.76 -15.24
N ARG A 219 8.12 20.39 -16.45
CA ARG A 219 9.10 20.55 -17.52
C ARG A 219 9.20 22.04 -17.87
N ALA A 220 8.07 22.70 -17.99
CA ALA A 220 8.07 24.14 -18.36
C ALA A 220 8.55 25.00 -17.24
N ALA A 221 8.21 24.68 -15.98
CA ALA A 221 8.45 25.51 -14.80
C ALA A 221 8.99 24.63 -13.69
N PRO A 222 10.25 24.19 -13.81
CA PRO A 222 10.79 23.22 -12.89
C PRO A 222 10.89 23.78 -11.49
N GLY A 223 10.56 22.95 -10.51
CA GLY A 223 10.66 23.29 -9.09
C GLY A 223 11.62 22.36 -8.34
N ASP A 224 11.43 22.31 -7.02
CA ASP A 224 12.31 21.53 -6.12
C ASP A 224 11.72 20.16 -5.79
N ASP A 225 10.72 19.74 -6.54
CA ASP A 225 9.98 18.48 -6.31
C ASP A 225 10.67 17.36 -7.10
N LEU A 226 10.24 16.12 -6.84
CA LEU A 226 10.83 14.96 -7.44
C LEU A 226 10.48 14.80 -8.91
N THR A 227 9.28 15.25 -9.33
CA THR A 227 8.94 15.20 -10.75
C THR A 227 9.87 16.10 -11.58
N SER A 228 10.05 17.33 -11.12
CA SER A 228 11.01 18.27 -11.75
C SER A 228 12.38 17.60 -11.87
N ALA A 229 12.81 16.88 -10.81
CA ALA A 229 14.16 16.28 -10.81
C ALA A 229 14.19 15.12 -11.79
N LEU A 230 13.17 14.31 -11.91
CA LEU A 230 13.15 13.23 -12.88
C LEU A 230 13.28 13.80 -14.30
N ILE A 231 12.56 14.88 -14.56
CA ILE A 231 12.62 15.50 -15.91
C ILE A 231 14.02 16.03 -16.19
N LEU A 232 14.60 16.72 -15.24
CA LEU A 232 15.94 17.35 -15.41
C LEU A 232 17.00 16.26 -15.54
N ALA A 233 16.74 15.04 -15.10
CA ALA A 233 17.73 13.95 -15.14
C ALA A 233 17.65 13.25 -16.48
N SER A 234 16.46 13.24 -17.09
CA SER A 234 16.17 12.42 -18.29
C SER A 234 16.34 13.25 -19.56
N GLU A 235 16.70 14.54 -19.41
CA GLU A 235 16.95 15.49 -20.53
C GLU A 235 17.91 14.86 -21.55
N ASP A 236 19.12 14.48 -21.12
CA ASP A 236 20.16 13.84 -21.97
C ASP A 236 20.04 12.32 -21.81
N GLY A 237 18.90 11.77 -22.25
CA GLY A 237 18.61 10.33 -22.44
C GLY A 237 19.11 9.42 -21.34
N ASP A 238 18.89 8.11 -21.53
CA ASP A 238 19.41 6.97 -20.71
C ASP A 238 18.63 6.87 -19.39
N HIS A 239 17.79 7.85 -19.03
CA HIS A 239 17.02 7.88 -17.76
C HIS A 239 15.56 7.68 -18.13
N LEU A 240 14.58 8.43 -17.57
CA LEU A 240 13.17 8.05 -17.84
C LEU A 240 12.58 8.82 -19.01
N THR A 241 11.82 8.18 -19.85
CA THR A 241 10.98 8.85 -20.86
C THR A 241 9.86 9.63 -20.18
N ASP A 242 9.28 10.61 -20.84
CA ASP A 242 8.08 11.28 -20.28
C ASP A 242 7.02 10.24 -19.90
N ALA A 243 6.75 9.23 -20.70
CA ALA A 243 5.67 8.26 -20.44
C ALA A 243 6.04 7.57 -19.13
N GLU A 244 7.29 7.18 -18.97
CA GLU A 244 7.73 6.50 -17.74
C GLU A 244 7.58 7.48 -16.57
N ILE A 245 7.87 8.77 -16.73
CA ILE A 245 7.74 9.71 -15.58
C ILE A 245 6.28 9.78 -15.23
N VAL A 246 5.38 9.88 -16.19
CA VAL A 246 3.93 9.94 -15.93
C VAL A 246 3.53 8.73 -15.10
N SER A 247 3.91 7.51 -15.51
CA SER A 247 3.53 6.28 -14.79
C SER A 247 4.18 6.29 -13.41
N THR A 248 5.37 6.79 -13.30
CA THR A 248 6.08 6.85 -12.01
C THR A 248 5.32 7.79 -11.10
N LEU A 249 4.86 8.92 -11.58
CA LEU A 249 4.11 9.85 -10.73
CA LEU A 249 4.12 9.88 -10.74
C LEU A 249 2.85 9.19 -10.24
N GLN A 250 2.15 8.48 -11.09
CA GLN A 250 0.91 7.80 -10.65
C GLN A 250 1.27 6.76 -9.59
N LEU A 251 2.31 5.98 -9.81
CA LEU A 251 2.77 4.98 -8.83
C LEU A 251 3.08 5.69 -7.52
N MET A 252 3.81 6.79 -7.51
CA MET A 252 4.22 7.43 -6.24
C MET A 252 3.02 8.00 -5.52
N VAL A 253 2.13 8.68 -6.24
CA VAL A 253 1.01 9.34 -5.56
C VAL A 253 0.15 8.28 -5.00
N ALA A 254 -0.18 7.20 -5.70
CA ALA A 254 -1.06 6.15 -5.25
C ALA A 254 -0.40 5.40 -4.09
N ALA A 255 0.78 4.83 -4.30
CA ALA A 255 1.49 4.01 -3.28
C ALA A 255 1.69 4.89 -2.06
N GLY A 256 2.05 6.13 -2.20
CA GLY A 256 2.41 6.96 -1.03
C GLY A 256 1.24 7.37 -0.19
N HIS A 257 0.05 7.47 -0.75
CA HIS A 257 -1.08 7.90 0.12
C HIS A 257 -1.89 6.73 0.58
N GLU A 258 -2.26 5.81 -0.31
CA GLU A 258 -3.25 4.79 0.02
C GLU A 258 -2.83 4.01 1.29
N THR A 259 -1.61 3.60 1.31
CA THR A 259 -1.05 2.70 2.34
C THR A 259 -0.85 3.46 3.63
N THR A 260 -0.24 4.64 3.57
CA THR A 260 0.11 5.36 4.80
C THR A 260 -1.15 5.76 5.56
N ILE A 261 -2.19 6.12 4.84
CA ILE A 261 -3.46 6.45 5.48
C ILE A 261 -3.94 5.27 6.30
N SER A 262 -3.98 4.08 5.70
CA SER A 262 -4.45 2.86 6.41
C SER A 262 -3.52 2.49 7.54
N LEU A 263 -2.24 2.78 7.44
CA LEU A 263 -1.33 2.52 8.57
C LEU A 263 -1.77 3.35 9.77
N ILE A 264 -2.00 4.64 9.54
CA ILE A 264 -2.38 5.51 10.66
C ILE A 264 -3.75 5.08 11.18
N VAL A 265 -4.72 4.83 10.33
CA VAL A 265 -6.05 4.34 10.76
C VAL A 265 -5.90 3.05 11.58
N ASN A 266 -5.15 2.10 11.09
CA ASN A 266 -5.12 0.80 11.75
C ASN A 266 -4.41 0.92 13.08
N ALA A 267 -3.42 1.80 13.19
CA ALA A 267 -2.72 1.99 14.47
C ALA A 267 -3.70 2.50 15.52
N VAL A 268 -4.49 3.49 15.13
CA VAL A 268 -5.51 4.03 16.08
C VAL A 268 -6.51 2.97 16.45
N VAL A 269 -6.99 2.20 15.48
CA VAL A 269 -7.92 1.12 15.81
C VAL A 269 -7.29 0.11 16.75
N ASN A 270 -6.06 -0.29 16.50
CA ASN A 270 -5.37 -1.31 17.29
C ASN A 270 -5.15 -0.81 18.72
N LEU A 271 -4.72 0.42 18.87
CA LEU A 271 -4.56 0.95 20.25
C LEU A 271 -5.93 1.06 20.94
N SER A 272 -6.97 1.46 20.24
CA SER A 272 -8.32 1.62 20.82
C SER A 272 -8.82 0.25 21.28
N THR A 273 -8.57 -0.83 20.56
CA THR A 273 -9.08 -2.18 20.86
C THR A 273 -8.17 -2.89 21.81
N HIS A 274 -6.99 -2.36 22.11
CA HIS A 274 -6.01 -2.96 23.04
C HIS A 274 -5.61 -1.87 24.02
N PRO A 275 -6.53 -1.44 24.88
CA PRO A 275 -6.26 -0.31 25.76
C PRO A 275 -5.12 -0.52 26.76
N GLU A 276 -4.81 -1.75 27.13
CA GLU A 276 -3.64 -1.98 28.00
C GLU A 276 -2.34 -1.64 27.27
N GLN A 277 -2.28 -1.91 25.97
CA GLN A 277 -1.10 -1.53 25.19
C GLN A 277 -1.06 -0.05 24.88
N ARG A 278 -2.19 0.54 24.64
CA ARG A 278 -2.24 2.03 24.50
C ARG A 278 -1.67 2.65 25.77
N ALA A 279 -2.04 2.11 26.95
CA ALA A 279 -1.54 2.70 28.21
C ALA A 279 -0.02 2.59 28.28
N LEU A 280 0.56 1.49 27.81
CA LEU A 280 2.04 1.32 27.78
C LEU A 280 2.66 2.41 26.92
N VAL A 281 2.10 2.71 25.75
CA VAL A 281 2.76 3.68 24.87
C VAL A 281 2.57 5.07 25.47
N LEU A 282 1.39 5.37 26.00
CA LEU A 282 1.17 6.76 26.48
C LEU A 282 2.02 6.98 27.72
N SER A 283 2.35 5.94 28.50
CA SER A 283 3.18 6.13 29.73
C SER A 283 4.67 6.02 29.41
N GLY A 284 5.06 5.70 28.17
CA GLY A 284 6.48 5.60 27.79
C GLY A 284 7.09 4.24 28.03
N GLU A 285 6.30 3.24 28.42
CA GLU A 285 6.77 1.88 28.66
C GLU A 285 7.01 1.17 27.32
N ALA A 286 6.35 1.65 26.25
CA ALA A 286 6.50 1.14 24.88
C ALA A 286 6.68 2.34 24.00
N ASP A 287 7.37 2.15 22.91
CA ASP A 287 7.62 3.31 22.04
C ASP A 287 6.69 3.29 20.81
N TRP A 288 6.54 4.44 20.19
CA TRP A 288 5.63 4.58 19.05
C TRP A 288 6.12 3.75 17.89
N SER A 289 7.40 3.56 17.69
CA SER A 289 7.84 2.70 16.60
C SER A 289 7.33 1.28 16.79
N SER A 290 7.18 0.82 18.00
CA SER A 290 6.69 -0.55 18.22
C SER A 290 5.24 -0.62 17.79
N VAL A 291 4.46 0.43 17.96
CA VAL A 291 3.06 0.43 17.53
C VAL A 291 3.05 0.40 16.01
N VAL A 292 3.87 1.20 15.36
CA VAL A 292 3.85 1.25 13.89
C VAL A 292 4.29 -0.09 13.35
N GLU A 293 5.37 -0.67 13.85
CA GLU A 293 5.83 -1.95 13.30
C GLU A 293 4.85 -3.06 13.56
N GLU A 294 4.25 -3.13 14.74
CA GLU A 294 3.28 -4.20 14.99
C GLU A 294 2.02 -3.97 14.19
N THR A 295 1.61 -2.73 13.92
CA THR A 295 0.45 -2.46 13.04
C THR A 295 0.77 -2.95 11.64
N LEU A 296 1.98 -2.69 11.18
CA LEU A 296 2.36 -3.16 9.84
C LEU A 296 2.33 -4.68 9.75
N ARG A 297 2.74 -5.41 10.78
CA ARG A 297 2.74 -6.87 10.72
C ARG A 297 1.34 -7.40 10.89
N TYR A 298 0.64 -6.95 11.88
CA TYR A 298 -0.67 -7.49 12.28
C TYR A 298 -1.77 -7.10 11.32
N SER A 299 -1.68 -5.89 10.80
CA SER A 299 -2.76 -5.20 10.08
C SER A 299 -2.18 -4.38 8.95
N THR A 300 -1.41 -4.99 8.07
CA THR A 300 -0.80 -4.20 6.99
C THR A 300 -1.85 -3.48 6.19
N PRO A 301 -1.55 -2.24 5.77
CA PRO A 301 -2.39 -1.56 4.81
C PRO A 301 -2.65 -2.32 3.51
N THR A 302 -1.67 -3.12 3.09
CA THR A 302 -1.73 -3.79 1.79
C THR A 302 -1.90 -5.29 1.97
N SER A 303 -3.12 -5.74 1.78
CA SER A 303 -3.44 -7.16 1.94
C SER A 303 -2.80 -7.98 0.86
N HIS A 304 -2.79 -7.52 -0.38
CA HIS A 304 -2.24 -8.29 -1.51
C HIS A 304 -1.54 -7.38 -2.47
N VAL A 305 -0.45 -7.82 -3.05
CA VAL A 305 0.14 -7.10 -4.19
C VAL A 305 0.11 -7.88 -5.45
N LEU A 306 -0.51 -7.27 -6.45
CA LEU A 306 -0.48 -7.73 -7.84
C LEU A 306 0.79 -7.14 -8.44
N ILE A 307 1.53 -7.84 -9.30
CA ILE A 307 1.32 -9.21 -9.74
C ILE A 307 2.65 -9.64 -10.34
N ARG A 308 2.96 -10.92 -10.20
CA ARG A 308 4.18 -11.51 -10.74
C ARG A 308 3.78 -12.73 -11.55
N PHE A 309 4.72 -13.16 -12.38
CA PHE A 309 4.45 -14.23 -13.36
C PHE A 309 5.67 -15.14 -13.36
N ALA A 310 5.39 -16.45 -13.47
CA ALA A 310 6.48 -17.43 -13.43
C ALA A 310 7.02 -17.71 -14.84
N THR A 311 8.32 -17.60 -15.00
CA THR A 311 8.88 -17.88 -16.34
C THR A 311 9.10 -19.39 -16.50
N GLU A 312 9.14 -20.12 -15.39
CA GLU A 312 9.36 -21.57 -15.38
C GLU A 312 8.48 -22.13 -14.29
N ASP A 313 8.26 -23.42 -14.23
CA ASP A 313 7.57 -24.04 -13.09
C ASP A 313 8.39 -23.83 -11.85
N VAL A 314 7.74 -23.40 -10.75
CA VAL A 314 8.45 -23.14 -9.48
C VAL A 314 7.76 -23.95 -8.40
N PRO A 315 8.47 -24.86 -7.75
CA PRO A 315 7.89 -25.54 -6.60
C PRO A 315 7.74 -24.57 -5.43
N VAL A 316 6.57 -24.68 -4.79
CA VAL A 316 6.23 -23.88 -3.59
C VAL A 316 5.53 -24.85 -2.63
N GLY A 317 6.22 -25.22 -1.58
CA GLY A 317 5.69 -26.27 -0.71
C GLY A 317 5.52 -27.55 -1.51
N ASP A 318 4.35 -28.17 -1.44
CA ASP A 318 4.12 -29.45 -2.19
C ASP A 318 3.38 -29.19 -3.48
N LYS A 319 3.28 -27.92 -3.90
CA LYS A 319 2.60 -27.52 -5.15
C LYS A 319 3.65 -27.00 -6.14
N VAL A 320 3.20 -26.90 -7.38
CA VAL A 320 4.01 -26.27 -8.46
C VAL A 320 3.25 -25.04 -8.96
N LEU A 321 3.92 -23.89 -8.94
CA LEU A 321 3.45 -22.67 -9.64
C LEU A 321 3.84 -22.83 -11.11
N PRO A 322 2.88 -23.10 -12.00
CA PRO A 322 3.28 -23.40 -13.38
C PRO A 322 3.78 -22.19 -14.13
N ALA A 323 4.69 -22.43 -15.07
CA ALA A 323 5.14 -21.37 -15.97
C ALA A 323 3.94 -20.72 -16.61
N GLY A 324 3.99 -19.38 -16.68
CA GLY A 324 2.95 -18.60 -17.31
C GLY A 324 1.78 -18.28 -16.38
N ASP A 325 1.80 -18.81 -15.17
CA ASP A 325 0.76 -18.48 -14.19
C ASP A 325 1.21 -17.26 -13.39
N ALA A 326 0.26 -16.73 -12.67
CA ALA A 326 0.40 -15.45 -11.96
C ALA A 326 0.41 -15.69 -10.45
N LEU A 327 1.07 -14.76 -9.77
CA LEU A 327 1.26 -14.81 -8.32
C LEU A 327 0.98 -13.44 -7.74
N ILE A 328 0.13 -13.43 -6.72
CA ILE A 328 -0.01 -12.25 -5.84
C ILE A 328 0.66 -12.59 -4.52
N VAL A 329 1.15 -11.55 -3.84
CA VAL A 329 1.80 -11.75 -2.53
C VAL A 329 0.80 -11.30 -1.49
N SER A 330 0.39 -12.19 -0.62
CA SER A 330 -0.70 -11.96 0.35
C SER A 330 -0.06 -11.51 1.66
N TYR A 331 0.44 -10.27 1.69
CA TYR A 331 1.07 -9.69 2.89
C TYR A 331 0.17 -9.69 4.09
N GLY A 332 -1.12 -9.46 3.88
CA GLY A 332 -2.06 -9.46 5.01
C GLY A 332 -2.07 -10.80 5.71
N ALA A 333 -2.28 -11.84 4.96
CA ALA A 333 -2.37 -13.20 5.54
C ALA A 333 -1.02 -13.56 6.14
N LEU A 334 0.07 -13.35 5.45
CA LEU A 334 1.35 -13.85 5.95
C LEU A 334 1.84 -13.02 7.14
N GLY A 335 1.29 -11.84 7.38
CA GLY A 335 1.72 -11.07 8.56
C GLY A 335 1.43 -11.84 9.83
N ARG A 336 0.41 -12.70 9.86
CA ARG A 336 0.03 -13.46 11.08
C ARG A 336 0.45 -14.90 10.95
N ASP A 337 1.51 -15.18 10.21
CA ASP A 337 2.06 -16.54 10.08
C ASP A 337 2.73 -16.97 11.38
N GLU A 338 2.18 -18.03 12.00
CA GLU A 338 2.74 -18.57 13.27
C GLU A 338 4.10 -19.18 13.03
N ALA A 339 4.44 -19.64 11.83
CA ALA A 339 5.82 -20.13 11.58
C ALA A 339 6.83 -19.02 11.74
N ALA A 340 6.46 -17.77 11.40
CA ALA A 340 7.37 -16.61 11.48
C ALA A 340 7.36 -16.00 12.87
N HIS A 341 6.20 -15.92 13.53
CA HIS A 341 6.06 -15.09 14.73
C HIS A 341 5.64 -15.91 15.95
N GLY A 342 5.46 -17.19 15.82
CA GLY A 342 5.05 -17.99 16.99
C GLY A 342 3.57 -18.03 17.21
N PRO A 343 3.12 -18.74 18.28
CA PRO A 343 1.72 -18.95 18.51
C PRO A 343 0.90 -17.72 18.82
N THR A 344 1.54 -16.57 19.08
CA THR A 344 0.80 -15.32 19.32
C THR A 344 0.72 -14.49 18.04
N ALA A 345 1.07 -15.06 16.90
CA ALA A 345 1.11 -14.28 15.63
C ALA A 345 -0.23 -13.66 15.31
N GLY A 346 -1.34 -14.27 15.71
CA GLY A 346 -2.68 -13.82 15.40
C GLY A 346 -3.17 -12.69 16.29
N GLU A 347 -2.36 -12.26 17.23
CA GLU A 347 -2.75 -11.18 18.16
C GLU A 347 -1.89 -9.93 17.93
N PHE A 348 -2.48 -8.80 18.28
CA PHE A 348 -1.73 -7.53 18.27
C PHE A 348 -0.99 -7.39 19.58
N ASP A 349 0.34 -7.30 19.53
CA ASP A 349 1.16 -7.20 20.74
C ASP A 349 2.38 -6.36 20.41
N ILE A 350 2.34 -5.11 20.85
CA ILE A 350 3.47 -4.19 20.57
C ILE A 350 4.70 -4.58 21.37
N THR A 351 4.58 -5.48 22.31
CA THR A 351 5.74 -5.89 23.13
C THR A 351 6.42 -7.09 22.49
N ARG A 352 5.92 -7.63 21.39
CA ARG A 352 6.47 -8.91 20.93
C ARG A 352 7.92 -8.72 20.51
N SER A 353 8.59 -9.84 20.59
CA SER A 353 9.87 -10.02 19.93
C SER A 353 9.54 -11.10 18.91
N THR A 354 9.98 -10.92 17.67
CA THR A 354 9.87 -12.01 16.66
C THR A 354 11.26 -12.29 16.13
N GLU A 355 11.54 -13.55 15.78
CA GLU A 355 12.83 -13.91 15.13
C GLU A 355 12.79 -13.39 13.70
N ASN A 356 11.59 -13.04 13.21
CA ASN A 356 11.41 -12.71 11.80
C ASN A 356 10.82 -11.29 11.74
N ARG A 357 11.58 -10.33 11.26
CA ARG A 357 11.00 -9.00 10.96
C ARG A 357 9.86 -9.16 9.95
N HIS A 358 8.84 -8.34 10.09
CA HIS A 358 7.75 -8.34 9.10
C HIS A 358 8.31 -7.97 7.74
N ILE A 359 7.58 -8.41 6.74
CA ILE A 359 7.89 -8.04 5.35
C ILE A 359 6.76 -7.24 4.74
N SER A 360 6.06 -6.43 5.52
CA SER A 360 4.92 -5.69 4.96
C SER A 360 5.36 -4.60 3.99
N PHE A 361 6.65 -4.27 3.90
CA PHE A 361 7.18 -3.39 2.83
C PHE A 361 7.79 -4.23 1.72
N GLY A 362 7.59 -5.52 1.66
CA GLY A 362 8.17 -6.34 0.62
C GLY A 362 9.52 -6.85 1.00
N HIS A 363 10.23 -7.38 0.02
CA HIS A 363 11.53 -8.06 0.22
C HIS A 363 12.16 -8.18 -1.14
N GLY A 364 13.47 -8.08 -1.18
CA GLY A 364 14.14 -8.22 -2.48
C GLY A 364 14.16 -6.88 -3.20
N PRO A 365 14.49 -6.89 -4.49
CA PRO A 365 14.78 -5.63 -5.18
C PRO A 365 13.62 -4.62 -5.20
N HIS A 366 12.40 -5.12 -5.15
CA HIS A 366 11.20 -4.24 -5.22
C HIS A 366 10.76 -3.78 -3.84
N VAL A 367 11.51 -4.00 -2.78
CA VAL A 367 11.10 -3.56 -1.41
C VAL A 367 10.73 -2.10 -1.45
N CYS A 368 9.77 -1.72 -0.69
CA CYS A 368 9.23 -0.36 -0.74
C CYS A 368 10.30 0.66 -0.52
N PRO A 369 10.46 1.59 -1.48
CA PRO A 369 11.44 2.70 -1.31
C PRO A 369 10.89 3.81 -0.44
N GLY A 370 9.59 3.77 -0.16
CA GLY A 370 8.93 4.75 0.68
C GLY A 370 8.83 4.37 2.13
N ALA A 371 9.45 3.31 2.58
CA ALA A 371 9.23 2.78 3.95
C ALA A 371 9.62 3.85 4.96
N ALA A 372 10.78 4.48 4.78
CA ALA A 372 11.24 5.51 5.74
C ALA A 372 10.26 6.67 5.76
N LEU A 373 9.72 7.07 4.64
CA LEU A 373 8.77 8.16 4.63
C LEU A 373 7.51 7.76 5.39
N SER A 374 7.00 6.56 5.13
CA SER A 374 5.73 6.13 5.79
C SER A 374 5.94 6.08 7.30
N ARG A 375 7.08 5.54 7.71
CA ARG A 375 7.41 5.45 9.14
C ARG A 375 7.53 6.83 9.74
N LEU A 376 8.08 7.82 9.05
CA LEU A 376 8.16 9.18 9.59
C LEU A 376 6.76 9.74 9.70
N GLU A 377 5.95 9.62 8.67
CA GLU A 377 4.60 10.20 8.68
C GLU A 377 3.82 9.60 9.87
N ALA A 378 3.79 8.27 10.01
CA ALA A 378 3.00 7.63 11.08
C ALA A 378 3.66 7.99 12.41
N GLY A 379 4.98 8.02 12.46
CA GLY A 379 5.73 8.29 13.68
C GLY A 379 5.59 9.70 14.16
N VAL A 380 5.25 10.62 13.31
CA VAL A 380 4.92 12.01 13.69
C VAL A 380 3.43 12.07 14.01
N ALA A 381 2.57 11.49 13.16
CA ALA A 381 1.11 11.71 13.27
C ALA A 381 0.62 11.10 14.56
N LEU A 382 1.01 9.88 14.87
CA LEU A 382 0.39 9.14 16.00
C LEU A 382 0.73 9.80 17.32
N PRO A 383 2.01 10.10 17.65
CA PRO A 383 2.22 10.78 18.93
C PRO A 383 1.62 12.17 18.94
N ALA A 384 1.58 12.86 17.82
CA ALA A 384 0.99 14.20 17.83
C ALA A 384 -0.48 14.09 18.18
N LEU A 385 -1.19 13.12 17.60
CA LEU A 385 -2.64 12.94 17.80
C LEU A 385 -2.89 12.66 19.26
N TYR A 386 -2.17 11.71 19.83
CA TYR A 386 -2.44 11.30 21.23
C TYR A 386 -1.89 12.36 22.19
N ALA A 387 -0.93 13.16 21.79
CA ALA A 387 -0.48 14.27 22.68
C ALA A 387 -1.62 15.26 22.74
N ARG A 388 -2.32 15.55 21.67
CA ARG A 388 -3.39 16.54 21.60
C ARG A 388 -4.63 16.00 22.30
N PHE A 389 -4.91 14.70 22.09
CA PHE A 389 -6.21 14.10 22.46
C PHE A 389 -5.94 12.84 23.23
N PRO A 390 -5.40 12.88 24.45
CA PRO A 390 -4.97 11.69 25.15
C PRO A 390 -6.09 10.68 25.41
N LYS A 391 -7.32 11.14 25.43
CA LYS A 391 -8.46 10.28 25.77
C LYS A 391 -9.19 9.86 24.50
N LEU A 392 -8.63 10.09 23.33
CA LEU A 392 -9.36 9.73 22.11
C LEU A 392 -9.62 8.23 22.09
N ASP A 393 -10.81 7.92 21.61
CA ASP A 393 -11.21 6.52 21.45
C ASP A 393 -12.25 6.42 20.35
N LEU A 394 -12.52 5.19 19.91
CA LEU A 394 -13.58 4.96 18.91
C LEU A 394 -14.92 5.46 19.40
N ALA A 395 -15.69 6.05 18.50
CA ALA A 395 -17.04 6.57 18.80
C ALA A 395 -18.11 5.53 18.48
N VAL A 396 -17.71 4.42 17.93
CA VAL A 396 -18.60 3.27 17.59
C VAL A 396 -17.91 2.03 18.10
N PRO A 397 -18.66 0.94 18.35
CA PRO A 397 -18.03 -0.33 18.65
C PRO A 397 -17.12 -0.72 17.49
N ALA A 398 -16.00 -1.34 17.81
CA ALA A 398 -15.03 -1.76 16.80
C ALA A 398 -15.68 -2.67 15.75
N ALA A 399 -16.69 -3.42 16.16
CA ALA A 399 -17.36 -4.36 15.23
C ALA A 399 -18.14 -3.58 14.15
N GLU A 400 -18.42 -2.29 14.35
CA GLU A 400 -19.13 -1.48 13.37
C GLU A 400 -18.19 -0.91 12.32
N LEU A 401 -16.88 -1.01 12.53
CA LEU A 401 -15.92 -0.53 11.50
C LEU A 401 -16.08 -1.48 10.30
N ARG A 402 -15.87 -0.93 9.14
CA ARG A 402 -16.15 -1.68 7.89
C ARG A 402 -15.04 -1.42 6.89
N ASN A 403 -14.52 -2.50 6.33
CA ASN A 403 -13.65 -2.38 5.17
C ASN A 403 -14.36 -1.87 3.93
N LYS A 404 -13.70 -1.04 3.18
CA LYS A 404 -14.13 -0.63 1.84
C LYS A 404 -13.96 -1.84 0.92
N PRO A 405 -14.71 -1.87 -0.18
CA PRO A 405 -14.66 -3.01 -1.13
C PRO A 405 -13.47 -2.83 -2.05
N VAL A 406 -12.30 -3.00 -1.45
CA VAL A 406 -10.99 -2.78 -2.09
C VAL A 406 -10.18 -4.03 -1.78
N VAL A 407 -10.09 -4.93 -2.72
CA VAL A 407 -9.66 -6.28 -2.37
C VAL A 407 -8.18 -6.37 -2.00
N THR A 408 -7.35 -5.51 -2.54
CA THR A 408 -5.91 -5.54 -2.29
C THR A 408 -5.52 -4.72 -1.05
N GLN A 409 -6.40 -3.85 -0.55
CA GLN A 409 -6.02 -2.91 0.53
C GLN A 409 -6.90 -3.17 1.73
N ASN A 410 -6.36 -2.83 2.88
CA ASN A 410 -7.09 -2.96 4.16
C ASN A 410 -7.46 -1.57 4.59
N ASP A 411 -8.59 -1.07 4.06
CA ASP A 411 -8.96 0.34 4.19
C ASP A 411 -10.36 0.41 4.77
N LEU A 412 -10.57 1.27 5.72
CA LEU A 412 -11.90 1.42 6.31
C LEU A 412 -12.68 2.54 5.67
N PHE A 413 -13.99 2.43 5.72
CA PHE A 413 -14.83 3.53 5.19
C PHE A 413 -14.63 4.79 6.03
N GLU A 414 -14.60 4.64 7.35
CA GLU A 414 -14.48 5.82 8.22
C GLU A 414 -13.86 5.34 9.52
N LEU A 415 -13.40 6.30 10.30
CA LEU A 415 -12.83 6.05 11.63
C LEU A 415 -13.47 7.04 12.59
N PRO A 416 -14.67 6.70 13.11
CA PRO A 416 -15.35 7.61 14.03
C PRO A 416 -14.65 7.61 15.39
N VAL A 417 -14.20 8.81 15.79
CA VAL A 417 -13.44 8.95 17.05
C VAL A 417 -14.09 10.03 17.92
N ARG A 418 -14.23 9.71 19.19
CA ARG A 418 -14.56 10.74 20.21
C ARG A 418 -13.24 11.30 20.75
N LEU A 419 -12.98 12.54 20.48
CA LEU A 419 -11.63 13.13 20.72
C LEU A 419 -11.34 13.28 22.21
N GLY A 420 -12.37 13.66 22.99
CA GLY A 420 -12.15 13.98 24.41
C GLY A 420 -11.45 15.30 24.62
#